data_3U04
#
_entry.id   3U04
#
_cell.length_a   83.890
_cell.length_b   33.020
_cell.length_c   68.140
_cell.angle_alpha   90.00
_cell.angle_beta   91.17
_cell.angle_gamma   90.00
#
_symmetry.space_group_name_H-M   'C 1 2 1'
#
loop_
_entity.id
_entity.type
_entity.pdbx_description
1 polymer 'Peptide deformylase 1'
2 non-polymer 'ZINC ION'
3 non-polymer 'CHLORIDE ION'
4 non-polymer ACTINONIN
5 water water
#
_entity_poly.entity_id   1
_entity_poly.type   'polypeptide(L)'
_entity_poly.pdbx_seq_one_letter_code
;GSMSVLSIVTVPDKRLSLCSEEVEKVDQSIRKLVDDMFETMHANQGLGLAAVQVGVHKRILVMNVPEEFEDSEDIENVED
KIEGYELYGGPYCIINPKIVDISQEKVKLKEGCLSVPGYFDYIVRPQRIAVQYLDYNGNECIIKAQGWLARCLQHEIDHL
NGTVFLKYLSKFKRDFAIEKVKKKERTDLI
;
_entity_poly.pdbx_strand_id   A
#
loop_
_chem_comp.id
_chem_comp.type
_chem_comp.name
_chem_comp.formula
BB2 non-polymer ACTINONIN 'C19 H35 N3 O5'
CL non-polymer 'CHLORIDE ION' 'Cl -1'
ZN non-polymer 'ZINC ION' 'Zn 2'
#
# COMPACT_ATOMS: atom_id res chain seq x y z
N MET A 3 -14.45 15.22 2.31
CA MET A 3 -13.62 14.01 2.06
C MET A 3 -14.53 12.84 1.65
N SER A 4 -14.25 12.26 0.47
CA SER A 4 -15.10 11.22 -0.16
C SER A 4 -14.44 9.84 -0.38
N VAL A 5 -15.30 8.82 -0.48
CA VAL A 5 -14.89 7.42 -0.66
C VAL A 5 -14.76 7.13 -2.16
N LEU A 6 -13.55 6.78 -2.58
CA LEU A 6 -13.25 6.52 -3.97
C LEU A 6 -13.42 5.05 -4.29
N SER A 7 -13.75 4.74 -5.54
CA SER A 7 -13.85 3.36 -6.00
CA SER A 7 -13.85 3.36 -5.99
C SER A 7 -12.45 2.72 -6.07
N ILE A 8 -12.36 1.46 -5.64
CA ILE A 8 -11.11 0.68 -5.68
C ILE A 8 -10.97 -0.03 -7.01
N VAL A 9 -9.79 0.11 -7.60
CA VAL A 9 -9.41 -0.56 -8.82
C VAL A 9 -8.98 -1.97 -8.44
N THR A 10 -9.57 -2.97 -9.09
CA THR A 10 -9.30 -4.38 -8.80
C THR A 10 -8.68 -5.12 -9.99
N VAL A 11 -7.98 -6.21 -9.69
CA VAL A 11 -7.37 -7.03 -10.74
C VAL A 11 -8.47 -7.64 -11.61
N PRO A 12 -8.16 -7.89 -12.88
CA PRO A 12 -6.90 -7.68 -13.61
C PRO A 12 -6.78 -6.31 -14.33
N ASP A 13 -7.39 -5.27 -13.79
CA ASP A 13 -7.27 -3.94 -14.38
C ASP A 13 -5.79 -3.55 -14.54
N LYS A 14 -5.38 -3.20 -15.77
CA LYS A 14 -3.95 -2.98 -16.05
C LYS A 14 -3.40 -1.70 -15.39
N ARG A 15 -4.27 -0.85 -14.87
CA ARG A 15 -3.78 0.33 -14.18
C ARG A 15 -2.93 -0.07 -13.00
N LEU A 16 -3.23 -1.24 -12.43
CA LEU A 16 -2.53 -1.70 -11.22
C LEU A 16 -1.10 -2.16 -11.53
N SER A 17 -0.78 -2.40 -12.80
CA SER A 17 0.55 -2.85 -13.15
C SER A 17 1.41 -1.73 -13.73
N LEU A 18 0.91 -0.49 -13.70
CA LEU A 18 1.66 0.69 -14.16
C LEU A 18 2.39 1.29 -12.96
N CYS A 19 3.65 1.69 -13.13
CA CYS A 19 4.45 2.36 -12.08
C CYS A 19 3.89 3.79 -11.85
N SER A 20 3.84 4.23 -10.61
CA SER A 20 3.38 5.60 -10.29
C SER A 20 4.51 6.60 -10.32
N GLU A 21 4.18 7.86 -10.61
CA GLU A 21 5.17 8.93 -10.82
C GLU A 21 5.39 9.69 -9.52
N GLU A 22 6.61 10.16 -9.29
CA GLU A 22 6.88 11.09 -8.18
C GLU A 22 5.92 12.27 -8.19
N VAL A 23 5.51 12.66 -6.99
CA VAL A 23 4.78 13.90 -6.75
C VAL A 23 5.74 15.08 -6.87
N GLU A 24 5.39 16.07 -7.68
CA GLU A 24 6.27 17.23 -7.88
C GLU A 24 6.29 18.14 -6.69
N LYS A 25 5.10 18.38 -6.13
CA LYS A 25 4.90 19.35 -5.12
C LYS A 25 3.68 18.89 -4.28
N VAL A 26 3.81 18.92 -2.96
CA VAL A 26 2.72 18.51 -2.07
C VAL A 26 1.89 19.78 -1.84
N ASP A 27 0.84 19.94 -2.63
CA ASP A 27 0.00 21.11 -2.54
C ASP A 27 -1.44 20.79 -2.15
N GLN A 28 -2.34 21.77 -2.30
CA GLN A 28 -3.71 21.55 -1.88
C GLN A 28 -4.34 20.34 -2.56
N SER A 29 -4.08 20.15 -3.85
CA SER A 29 -4.71 19.08 -4.61
C SER A 29 -4.27 17.70 -4.10
N ILE A 30 -3.00 17.59 -3.71
CA ILE A 30 -2.43 16.36 -3.14
C ILE A 30 -3.04 16.04 -1.76
N ARG A 31 -3.10 17.06 -0.90
CA ARG A 31 -3.77 16.95 0.41
C ARG A 31 -5.22 16.51 0.30
N LYS A 32 -5.95 17.03 -0.69
CA LYS A 32 -7.36 16.63 -0.94
C LYS A 32 -7.43 15.13 -1.29
N LEU A 33 -6.53 14.69 -2.16
CA LEU A 33 -6.47 13.28 -2.57
C LEU A 33 -6.11 12.44 -1.36
N VAL A 34 -5.10 12.84 -0.59
CA VAL A 34 -4.75 12.10 0.63
C VAL A 34 -5.95 11.97 1.57
N ASP A 35 -6.69 13.06 1.73
CA ASP A 35 -7.92 13.03 2.57
C ASP A 35 -8.92 11.99 2.09
N ASP A 36 -9.16 11.95 0.78
CA ASP A 36 -10.05 10.97 0.20
C ASP A 36 -9.46 9.55 0.36
N MET A 37 -8.13 9.40 0.25
CA MET A 37 -7.51 8.11 0.46
C MET A 37 -7.71 7.60 1.88
N PHE A 38 -7.48 8.43 2.87
CA PHE A 38 -7.80 8.00 4.26
C PHE A 38 -9.28 7.55 4.47
N GLU A 39 -10.22 8.30 3.92
CA GLU A 39 -11.64 7.94 4.02
C GLU A 39 -11.94 6.62 3.33
N THR A 40 -11.33 6.41 2.16
CA THR A 40 -11.52 5.19 1.39
C THR A 40 -10.93 3.99 2.11
N MET A 41 -9.73 4.20 2.66
CA MET A 41 -9.05 3.15 3.43
C MET A 41 -9.97 2.73 4.59
N HIS A 42 -10.52 3.71 5.32
CA HIS A 42 -11.36 3.39 6.48
C HIS A 42 -12.64 2.73 6.10
N ALA A 43 -13.26 3.18 5.01
CA ALA A 43 -14.53 2.60 4.54
C ALA A 43 -14.36 1.15 4.13
N ASN A 44 -13.14 0.79 3.72
CA ASN A 44 -12.84 -0.55 3.25
C ASN A 44 -12.15 -1.44 4.29
N GLN A 45 -12.05 -0.94 5.52
CA GLN A 45 -11.43 -1.68 6.61
C GLN A 45 -9.98 -2.06 6.33
N GLY A 46 -9.27 -1.17 5.65
CA GLY A 46 -7.85 -1.41 5.29
C GLY A 46 -6.85 -0.87 6.29
N LEU A 47 -5.64 -1.43 6.25
CA LEU A 47 -4.50 -0.93 7.00
C LEU A 47 -3.69 0.14 6.24
N GLY A 48 -3.88 0.20 4.92
CA GLY A 48 -3.19 1.15 4.08
C GLY A 48 -3.88 1.23 2.75
N LEU A 49 -3.38 2.13 1.88
CA LEU A 49 -3.93 2.28 0.54
C LEU A 49 -2.95 3.07 -0.30
N ALA A 50 -2.82 2.67 -1.56
CA ALA A 50 -1.96 3.37 -2.49
C ALA A 50 -2.80 4.13 -3.50
N ALA A 51 -2.28 5.27 -3.98
CA ALA A 51 -3.05 6.12 -4.89
C ALA A 51 -3.52 5.38 -6.13
N VAL A 52 -2.68 4.49 -6.65
CA VAL A 52 -3.04 3.75 -7.88
C VAL A 52 -4.33 2.92 -7.73
N GLN A 53 -4.58 2.47 -6.51
CA GLN A 53 -5.77 1.71 -6.17
C GLN A 53 -7.03 2.55 -6.25
N VAL A 54 -6.89 3.88 -6.29
CA VAL A 54 -8.03 4.74 -6.57
C VAL A 54 -7.91 5.46 -7.91
N GLY A 55 -7.11 4.90 -8.82
CA GLY A 55 -6.99 5.42 -10.17
C GLY A 55 -6.01 6.55 -10.38
N VAL A 56 -5.17 6.85 -9.40
CA VAL A 56 -4.23 7.97 -9.54
C VAL A 56 -2.80 7.44 -9.47
N HIS A 57 -2.05 7.57 -10.56
CA HIS A 57 -0.70 7.02 -10.64
C HIS A 57 0.37 7.94 -10.14
N LYS A 58 0.25 8.28 -8.85
N LYS A 58 0.27 8.26 -8.85
CA LYS A 58 1.23 9.13 -8.16
CA LYS A 58 1.22 9.12 -8.15
C LYS A 58 1.76 8.38 -6.94
C LYS A 58 1.76 8.37 -6.95
N ARG A 59 2.98 8.70 -6.52
CA ARG A 59 3.67 7.94 -5.46
C ARG A 59 3.24 8.46 -4.08
N ILE A 60 2.02 8.07 -3.72
CA ILE A 60 1.37 8.48 -2.48
C ILE A 60 0.74 7.23 -1.86
N LEU A 61 1.01 6.98 -0.60
CA LEU A 61 0.29 5.95 0.13
C LEU A 61 -0.07 6.45 1.54
N VAL A 62 -1.14 5.89 2.10
CA VAL A 62 -1.53 6.18 3.48
C VAL A 62 -1.54 4.86 4.28
N MET A 63 -1.32 4.97 5.58
CA MET A 63 -1.42 3.81 6.44
C MET A 63 -1.93 4.20 7.82
N ASN A 64 -2.62 3.25 8.44
CA ASN A 64 -2.92 3.32 9.85
C ASN A 64 -3.06 1.91 10.40
N VAL A 65 -2.10 1.53 11.23
CA VAL A 65 -1.99 0.20 11.78
C VAL A 65 -2.25 0.33 13.30
N PRO A 66 -3.38 -0.19 13.76
CA PRO A 66 -3.68 0.05 15.16
C PRO A 66 -2.82 -0.81 16.07
N GLU A 67 -2.67 -0.37 17.32
CA GLU A 67 -1.89 -1.10 18.36
C GLU A 67 -2.18 -2.61 18.47
N GLU A 68 -3.42 -3.03 18.15
CA GLU A 68 -3.74 -4.43 17.80
C GLU A 68 -5.26 -4.65 17.76
N ILE A 82 13.17 -4.29 17.72
CA ILE A 82 14.34 -3.42 17.69
C ILE A 82 14.04 -2.02 18.28
N GLU A 83 14.91 -1.54 19.18
CA GLU A 83 14.89 -0.13 19.61
C GLU A 83 14.80 0.77 18.37
N GLY A 84 13.92 1.78 18.45
CA GLY A 84 13.81 2.79 17.41
C GLY A 84 12.81 2.48 16.29
N TYR A 85 12.28 1.26 16.24
CA TYR A 85 11.35 0.86 15.19
C TYR A 85 9.96 0.74 15.80
N GLU A 86 8.95 1.01 15.00
CA GLU A 86 7.59 1.03 15.46
C GLU A 86 6.85 -0.20 14.93
N LEU A 87 6.04 -0.80 15.79
CA LEU A 87 5.25 -1.98 15.42
C LEU A 87 3.88 -1.60 14.84
N TYR A 88 3.44 -0.40 15.15
CA TYR A 88 2.15 0.04 14.75
C TYR A 88 2.20 1.56 14.71
N GLY A 89 1.14 2.16 14.19
CA GLY A 89 1.01 3.60 14.22
C GLY A 89 0.31 4.19 13.04
N GLY A 90 0.19 5.51 13.13
CA GLY A 90 -0.49 6.32 12.14
C GLY A 90 -1.45 7.31 12.77
N PRO A 91 -2.21 8.01 11.93
CA PRO A 91 -2.25 7.90 10.48
C PRO A 91 -0.97 8.47 9.81
N TYR A 92 -0.49 7.76 8.80
CA TYR A 92 0.69 8.17 8.05
C TYR A 92 0.30 8.55 6.65
N CYS A 93 0.80 9.71 6.20
CA CYS A 93 0.78 10.13 4.82
C CYS A 93 2.21 10.07 4.28
N ILE A 94 2.44 9.17 3.34
CA ILE A 94 3.80 8.84 2.89
C ILE A 94 3.88 9.12 1.37
N ILE A 95 4.57 10.19 1.02
CA ILE A 95 4.66 10.63 -0.37
C ILE A 95 6.10 10.52 -0.80
N ASN A 96 6.28 10.07 -2.03
CA ASN A 96 7.61 9.88 -2.62
C ASN A 96 8.54 9.04 -1.72
N PRO A 97 8.08 7.86 -1.30
CA PRO A 97 8.91 7.06 -0.41
C PRO A 97 10.20 6.58 -1.09
N LYS A 98 11.26 6.55 -0.32
CA LYS A 98 12.56 6.01 -0.69
C LYS A 98 13.02 5.09 0.43
N ILE A 99 13.31 3.83 0.10
CA ILE A 99 13.79 2.88 1.12
C ILE A 99 15.26 3.24 1.45
N VAL A 100 15.53 3.50 2.73
CA VAL A 100 16.89 3.84 3.20
C VAL A 100 17.59 2.72 3.99
N ASP A 101 16.81 1.77 4.52
CA ASP A 101 17.37 0.55 5.14
C ASP A 101 16.34 -0.56 5.10
N ILE A 102 16.79 -1.78 5.04
CA ILE A 102 15.88 -2.91 4.95
C ILE A 102 16.58 -4.10 5.57
N SER A 103 15.85 -4.87 6.38
CA SER A 103 16.44 -6.02 7.06
C SER A 103 16.69 -7.16 6.11
N GLN A 104 17.81 -7.85 6.30
CA GLN A 104 17.97 -9.11 5.61
C GLN A 104 17.03 -10.18 6.14
N GLU A 105 16.71 -10.19 7.43
CA GLU A 105 15.76 -11.19 7.90
C GLU A 105 14.36 -10.93 7.41
N LYS A 106 13.74 -12.05 7.04
CA LYS A 106 12.41 -12.02 6.43
C LYS A 106 11.47 -12.88 7.24
N VAL A 107 10.18 -12.63 7.06
CA VAL A 107 9.12 -13.29 7.78
CA VAL A 107 9.15 -13.35 7.76
C VAL A 107 7.95 -13.60 6.84
N LYS A 108 7.27 -14.70 7.08
CA LYS A 108 6.05 -15.04 6.35
C LYS A 108 4.81 -14.55 7.11
N LEU A 109 3.97 -13.76 6.45
CA LEU A 109 2.71 -13.30 7.04
C LEU A 109 1.59 -13.38 5.99
N LYS A 110 0.36 -13.50 6.47
CA LYS A 110 -0.80 -13.59 5.61
C LYS A 110 -1.19 -12.18 5.16
N GLU A 111 -1.45 -12.04 3.87
CA GLU A 111 -1.89 -10.75 3.31
C GLU A 111 -3.14 -10.91 2.49
N GLY A 112 -3.96 -9.85 2.49
CA GLY A 112 -4.93 -9.64 1.45
C GLY A 112 -4.73 -8.26 0.90
N CYS A 113 -5.57 -7.92 -0.07
CA CYS A 113 -5.45 -6.63 -0.78
C CYS A 113 -6.80 -6.17 -1.21
N LEU A 114 -7.06 -4.87 -1.10
CA LEU A 114 -8.35 -4.34 -1.56
C LEU A 114 -8.58 -4.49 -3.07
N SER A 115 -7.50 -4.59 -3.83
CA SER A 115 -7.54 -4.78 -5.28
C SER A 115 -7.64 -6.25 -5.69
N VAL A 116 -7.56 -7.16 -4.72
CA VAL A 116 -7.85 -8.59 -4.98
C VAL A 116 -8.85 -9.07 -3.95
N PRO A 117 -10.09 -8.56 -4.02
CA PRO A 117 -10.99 -8.79 -2.90
C PRO A 117 -11.31 -10.25 -2.58
N GLY A 118 -11.21 -10.60 -1.31
CA GLY A 118 -11.57 -11.93 -0.83
C GLY A 118 -10.47 -12.98 -0.85
N TYR A 119 -9.33 -12.64 -1.47
CA TYR A 119 -8.25 -13.63 -1.64
C TYR A 119 -7.15 -13.31 -0.65
N PHE A 120 -6.76 -14.30 0.14
CA PHE A 120 -5.64 -14.15 1.07
C PHE A 120 -4.56 -15.20 0.81
N ASP A 121 -3.30 -14.83 1.03
CA ASP A 121 -2.23 -15.83 0.88
C ASP A 121 -1.03 -15.42 1.69
N TYR A 122 -0.03 -16.28 1.74
CA TYR A 122 1.18 -15.99 2.50
C TYR A 122 2.27 -15.40 1.63
N ILE A 123 2.92 -14.38 2.18
CA ILE A 123 4.01 -13.68 1.52
C ILE A 123 5.18 -13.54 2.49
N VAL A 124 6.38 -13.80 1.96
CA VAL A 124 7.61 -13.60 2.66
C VAL A 124 8.20 -12.23 2.27
N ARG A 125 8.46 -11.40 3.30
CA ARG A 125 9.04 -10.08 3.13
C ARG A 125 10.02 -9.78 4.28
N PRO A 126 10.98 -8.84 4.06
CA PRO A 126 11.75 -8.31 5.18
C PRO A 126 10.91 -7.91 6.37
N GLN A 127 11.40 -8.21 7.57
CA GLN A 127 10.73 -7.91 8.81
C GLN A 127 10.69 -6.42 9.16
N ARG A 128 11.74 -5.69 8.78
CA ARG A 128 11.93 -4.29 9.21
C ARG A 128 12.38 -3.46 8.00
N ILE A 129 11.97 -2.20 8.01
CA ILE A 129 12.29 -1.28 6.91
C ILE A 129 12.34 0.15 7.44
N ALA A 130 13.23 0.97 6.87
CA ALA A 130 13.23 2.41 7.10
C ALA A 130 13.04 3.14 5.77
N VAL A 131 12.12 4.09 5.75
CA VAL A 131 11.72 4.77 4.53
C VAL A 131 11.72 6.25 4.78
N GLN A 132 12.34 6.97 3.86
CA GLN A 132 12.28 8.42 3.83
C GLN A 132 11.10 8.82 2.95
N TYR A 133 10.43 9.90 3.34
CA TYR A 133 9.24 10.36 2.61
C TYR A 133 8.93 11.79 2.89
N LEU A 134 8.00 12.33 2.09
CA LEU A 134 7.39 13.62 2.38
C LEU A 134 6.04 13.42 3.02
N ASP A 135 5.76 14.20 4.05
CA ASP A 135 4.47 14.07 4.76
C ASP A 135 3.38 14.96 4.13
N TYR A 136 2.23 15.04 4.82
CA TYR A 136 1.07 15.80 4.34
C TYR A 136 1.39 17.25 4.07
N ASN A 137 2.37 17.80 4.78
CA ASN A 137 2.83 19.21 4.69
CA ASN A 137 2.72 19.21 4.50
C ASN A 137 4.04 19.42 3.77
N GLY A 138 4.51 18.34 3.16
CA GLY A 138 5.66 18.33 2.29
C GLY A 138 6.97 18.33 3.04
N ASN A 139 6.93 17.98 4.32
CA ASN A 139 8.17 17.95 5.11
C ASN A 139 8.83 16.59 5.05
N GLU A 140 10.16 16.62 5.10
CA GLU A 140 10.97 15.39 5.03
C GLU A 140 10.92 14.60 6.34
N CYS A 141 10.67 13.30 6.22
CA CYS A 141 10.52 12.41 7.38
C CYS A 141 11.18 11.05 7.10
N ILE A 142 11.46 10.33 8.17
CA ILE A 142 11.77 8.89 8.10
C ILE A 142 10.82 8.12 9.00
N ILE A 143 10.36 6.98 8.50
CA ILE A 143 9.66 5.99 9.29
C ILE A 143 10.51 4.76 9.43
N LYS A 144 10.65 4.27 10.68
CA LYS A 144 11.34 3.01 11.00
C LYS A 144 10.29 2.05 11.50
N ALA A 145 9.98 1.05 10.68
CA ALA A 145 8.85 0.19 10.89
C ALA A 145 9.28 -1.27 11.04
N GLN A 146 8.54 -1.98 11.88
CA GLN A 146 8.68 -3.44 11.98
C GLN A 146 7.26 -4.05 12.11
N GLY A 147 7.20 -5.34 12.36
CA GLY A 147 5.91 -6.04 12.47
C GLY A 147 4.91 -5.72 11.38
N TRP A 148 3.64 -5.50 11.75
CA TRP A 148 2.63 -5.23 10.75
C TRP A 148 2.77 -3.89 10.08
N LEU A 149 3.38 -2.93 10.76
CA LEU A 149 3.65 -1.63 10.13
C LEU A 149 4.61 -1.73 8.94
N ALA A 150 5.69 -2.46 9.10
CA ALA A 150 6.62 -2.71 8.03
C ALA A 150 5.99 -3.54 6.95
N ARG A 151 5.19 -4.50 7.32
CA ARG A 151 4.50 -5.33 6.33
C ARG A 151 3.56 -4.53 5.43
N CYS A 152 2.74 -3.69 6.04
CA CYS A 152 1.85 -2.82 5.29
C CYS A 152 2.62 -1.89 4.36
N LEU A 153 3.66 -1.27 4.89
CA LEU A 153 4.42 -0.28 4.14
C LEU A 153 5.01 -0.91 2.88
N GLN A 154 5.53 -2.12 3.01
CA GLN A 154 6.09 -2.78 1.81
C GLN A 154 5.04 -3.14 0.81
N HIS A 155 3.87 -3.61 1.27
CA HIS A 155 2.74 -3.94 0.39
C HIS A 155 2.33 -2.70 -0.35
N GLU A 156 2.29 -1.55 0.32
CA GLU A 156 1.85 -0.28 -0.33
C GLU A 156 2.94 0.20 -1.33
N ILE A 157 4.21 0.14 -0.94
CA ILE A 157 5.27 0.54 -1.84
C ILE A 157 5.25 -0.29 -3.12
N ASP A 158 5.03 -1.60 -2.99
CA ASP A 158 4.89 -2.46 -4.17
C ASP A 158 3.82 -1.90 -5.13
N HIS A 159 2.68 -1.45 -4.62
CA HIS A 159 1.64 -0.95 -5.51
C HIS A 159 2.14 0.23 -6.33
N LEU A 160 2.94 1.11 -5.73
CA LEU A 160 3.52 2.28 -6.39
C LEU A 160 4.40 1.86 -7.56
N ASN A 161 4.95 0.65 -7.50
CA ASN A 161 5.84 0.13 -8.52
C ASN A 161 5.12 -0.79 -9.50
N GLY A 162 3.81 -0.85 -9.41
CA GLY A 162 2.98 -1.64 -10.28
C GLY A 162 2.87 -3.12 -9.91
N THR A 163 3.06 -3.41 -8.64
CA THR A 163 3.13 -4.78 -8.17
C THR A 163 2.00 -5.05 -7.19
N VAL A 164 1.24 -6.11 -7.46
CA VAL A 164 0.23 -6.63 -6.58
C VAL A 164 0.80 -7.93 -5.95
N PHE A 165 0.36 -8.27 -4.75
CA PHE A 165 0.99 -9.33 -3.95
C PHE A 165 0.90 -10.69 -4.61
N LEU A 166 0.00 -10.85 -5.57
CA LEU A 166 -0.07 -12.09 -6.36
C LEU A 166 1.19 -12.39 -7.14
N LYS A 167 2.00 -11.35 -7.37
CA LYS A 167 3.25 -11.52 -8.06
C LYS A 167 4.16 -12.45 -7.33
N TYR A 168 4.03 -12.56 -5.99
CA TYR A 168 4.91 -13.40 -5.16
C TYR A 168 4.45 -14.87 -5.09
N LEU A 169 3.32 -15.18 -5.72
CA LEU A 169 2.73 -16.51 -5.64
C LEU A 169 3.07 -17.32 -6.85
N SER A 170 2.79 -18.61 -6.78
CA SER A 170 2.88 -19.43 -7.97
C SER A 170 1.95 -18.90 -9.05
N LYS A 171 2.26 -19.18 -10.33
CA LYS A 171 1.40 -18.72 -11.42
C LYS A 171 -0.01 -19.33 -11.27
N PHE A 172 -0.07 -20.61 -10.93
CA PHE A 172 -1.33 -21.33 -10.76
C PHE A 172 -2.22 -20.64 -9.70
N LYS A 173 -1.64 -20.26 -8.56
CA LYS A 173 -2.45 -19.59 -7.51
C LYS A 173 -2.80 -18.18 -7.89
N ARG A 174 -1.86 -17.42 -8.46
CA ARG A 174 -2.16 -16.09 -9.00
C ARG A 174 -3.34 -16.13 -9.98
N ASP A 175 -3.32 -17.08 -10.90
CA ASP A 175 -4.42 -17.19 -11.89
C ASP A 175 -5.74 -17.55 -11.23
N PHE A 176 -5.66 -18.42 -10.21
CA PHE A 176 -6.84 -18.82 -9.46
C PHE A 176 -7.46 -17.62 -8.75
N ALA A 177 -6.61 -16.81 -8.12
CA ALA A 177 -7.07 -15.58 -7.44
C ALA A 177 -7.70 -14.61 -8.44
N ILE A 178 -7.06 -14.39 -9.59
CA ILE A 178 -7.59 -13.42 -10.59
C ILE A 178 -8.93 -13.94 -11.14
N GLU A 179 -9.00 -15.25 -11.46
CA GLU A 179 -10.28 -15.85 -11.92
C GLU A 179 -11.37 -15.71 -10.84
N LYS A 180 -11.00 -15.84 -9.58
CA LYS A 180 -11.95 -15.68 -8.46
C LYS A 180 -12.55 -14.26 -8.44
N VAL A 181 -11.68 -13.27 -8.60
CA VAL A 181 -12.15 -11.88 -8.62
C VAL A 181 -12.95 -11.61 -9.90
N LYS A 182 -12.49 -12.12 -11.04
CA LYS A 182 -13.21 -11.92 -12.32
C LYS A 182 -14.61 -12.49 -12.26
N LYS A 183 -14.74 -13.67 -11.67
CA LYS A 183 -16.05 -14.37 -11.59
C LYS A 183 -17.00 -13.54 -10.70
N LYS A 184 -16.48 -12.99 -9.61
CA LYS A 184 -17.28 -12.19 -8.70
C LYS A 184 -17.74 -10.88 -9.36
N GLU A 185 -16.96 -10.35 -10.31
CA GLU A 185 -17.30 -9.10 -11.03
C GLU A 185 -17.97 -9.25 -12.41
N ARG A 186 -18.12 -10.47 -12.91
CA ARG A 186 -18.76 -10.70 -14.22
C ARG A 186 -20.22 -10.21 -14.19
N THR A 187 -20.63 -9.45 -15.20
CA THR A 187 -21.96 -8.79 -15.18
C THR A 187 -23.11 -9.72 -15.59
ZN ZN B . -3.05 -3.83 -1.72
CL CL C . 2.91 -19.42 -3.50
CL CL D . 7.30 -19.55 8.60
C5 BB2 E . -4.94 -2.91 1.92
C3 BB2 E . -4.43 -2.76 0.53
O4 BB2 E . -4.71 -3.47 -0.46
N1 BB2 E . -3.49 -1.83 0.40
O2 BB2 E . -2.82 -1.79 -0.77
C6 BB2 E . -4.17 -4.00 2.68
C12 BB2 E . -5.06 -4.51 3.75
O13 BB2 E . -5.54 -3.73 4.58
C7 BB2 E . -2.92 -3.46 3.34
C8 BB2 E . -2.20 -4.47 4.27
C9 BB2 E . -1.12 -5.19 3.49
C10 BB2 E . -0.24 -6.19 4.26
C11 BB2 E . -0.86 -6.86 5.46
N14 BB2 E . -5.28 -5.82 3.76
C15 BB2 E . -5.97 -6.50 4.87
C16 BB2 E . -7.36 -6.97 4.48
C18 BB2 E . -8.33 -5.78 4.38
C17 BB2 E . -7.42 -7.71 3.15
C19 BB2 E . -5.04 -7.58 5.42
O20 BB2 E . -4.31 -8.16 4.64
N21 BB2 E . -5.00 -7.82 6.75
C22 BB2 E . -4.10 -8.82 7.34
C23 BB2 E . -5.76 -7.10 7.79
C24 BB2 E . -5.45 -7.81 9.11
C25 BB2 E . -4.15 -8.56 8.85
C26 BB2 E . -4.55 -10.23 7.01
O27 BB2 E . -3.62 -11.17 7.60
#